data_4PSV
#
_entry.id   4PSV
#
_cell.length_a   108.416
_cell.length_b   108.416
_cell.length_c   72.748
_cell.angle_alpha   90.00
_cell.angle_beta   90.00
_cell.angle_gamma   120.00
#
_symmetry.space_group_name_H-M   'P 61'
#
loop_
_entity.id
_entity.type
_entity.pdbx_description
1 polymer 'Protein RecA, 1st part, 2nd part'
2 non-polymer 'PHOSPHATE ION'
3 water water
#
_entity_poly.entity_id   1
_entity_poly.type   'polypeptide(L)'
_entity_poly.pdbx_seq_one_letter_code
;MTQTPDREKALELAVAQIEKSYGKGSVMRLGDEARQPISVIPTGSIALDVALGIGGLPRGRVIEIYGPESSGKTTVALHA
VANAQAAGGVAAFIDAEHALDPDYAKKLGVDTDSLLVSQPDTGEQALEIADMLIRSGALDIVVIDSVAALVPRAELEGEM
GDSHVGLQARLMSQALRKMTGALNNSGTTAIFINQLRDKIGVMFGSPETTTGGKALKFYASVRMDVRRVETLKDGTNAVG
NRTRVKVVKNKCSPPFKQAEFDILYGKGISREGSLIDMGVDQGLIRKSGAWFTYEGEQLGQGKENARNFLVENADVADEI
EKKIKEKLGIGAVVTDDPSNDGVLPAPVDF
;
_entity_poly.pdbx_strand_id   A
#
loop_
_chem_comp.id
_chem_comp.type
_chem_comp.name
_chem_comp.formula
PO4 non-polymer 'PHOSPHATE ION' 'O4 P -3'
#
# COMPACT_ATOMS: atom_id res chain seq x y z
N PRO A 5 -38.57 -7.48 -4.78
CA PRO A 5 -39.99 -7.14 -4.76
C PRO A 5 -40.23 -5.71 -5.22
N ASP A 6 -39.80 -5.40 -6.45
CA ASP A 6 -39.99 -4.08 -7.08
C ASP A 6 -39.18 -2.94 -6.41
N ARG A 7 -38.64 -3.21 -5.21
CA ARG A 7 -37.90 -2.24 -4.41
C ARG A 7 -36.41 -2.52 -4.61
N GLU A 8 -36.01 -3.76 -4.33
CA GLU A 8 -34.64 -4.21 -4.59
C GLU A 8 -34.29 -4.16 -6.08
N LYS A 9 -35.31 -4.30 -6.94
CA LYS A 9 -35.12 -4.24 -8.39
C LYS A 9 -34.78 -2.83 -8.85
N ALA A 10 -35.55 -1.85 -8.38
CA ALA A 10 -35.34 -0.44 -8.70
C ALA A 10 -33.97 0.07 -8.19
N LEU A 11 -33.57 -0.41 -7.02
CA LEU A 11 -32.27 -0.09 -6.46
C LEU A 11 -31.14 -0.68 -7.30
N GLU A 12 -31.24 -1.96 -7.61
CA GLU A 12 -30.27 -2.61 -8.50
C GLU A 12 -30.20 -1.94 -9.88
N LEU A 13 -31.35 -1.51 -10.38
CA LEU A 13 -31.37 -0.77 -11.64
C LEU A 13 -30.55 0.51 -11.51
N ALA A 14 -30.88 1.31 -10.48
CA ALA A 14 -30.19 2.58 -10.23
C ALA A 14 -28.69 2.36 -10.07
N VAL A 15 -28.33 1.37 -9.26
CA VAL A 15 -26.93 1.01 -9.03
C VAL A 15 -26.24 0.69 -10.35
N ALA A 16 -26.86 -0.18 -11.14
CA ALA A 16 -26.29 -0.55 -12.44
C ALA A 16 -26.04 0.66 -13.35
N GLN A 17 -26.92 1.64 -13.32
CA GLN A 17 -26.81 2.84 -14.18
C GLN A 17 -25.68 3.75 -13.73
N ILE A 18 -25.64 3.99 -12.42
CA ILE A 18 -24.56 4.74 -11.78
C ILE A 18 -23.23 4.11 -12.16
N GLU A 19 -23.16 2.80 -12.01
CA GLU A 19 -21.95 2.05 -12.30
C GLU A 19 -21.56 2.18 -13.77
N LYS A 20 -22.54 2.12 -14.67
CA LYS A 20 -22.29 2.30 -16.10
C LYS A 20 -21.78 3.70 -16.43
N SER A 21 -22.33 4.71 -15.77
CA SER A 21 -22.01 6.10 -16.10
C SER A 21 -20.76 6.65 -15.43
N TYR A 22 -20.41 6.11 -14.25
CA TYR A 22 -19.28 6.67 -13.49
C TYR A 22 -18.16 5.68 -13.17
N GLY A 23 -18.38 4.39 -13.43
CA GLY A 23 -17.37 3.37 -13.22
C GLY A 23 -17.78 2.40 -12.14
N LYS A 24 -17.34 1.14 -12.25
CA LYS A 24 -17.49 0.19 -11.15
C LYS A 24 -16.82 0.81 -9.93
N GLY A 25 -17.42 0.60 -8.77
CA GLY A 25 -16.95 1.19 -7.52
C GLY A 25 -17.59 2.52 -7.18
N SER A 26 -18.44 3.05 -8.06
CA SER A 26 -19.10 4.33 -7.81
C SER A 26 -20.03 4.26 -6.61
N VAL A 27 -20.57 3.06 -6.33
CA VAL A 27 -21.44 2.85 -5.18
C VAL A 27 -21.36 1.40 -4.72
N MET A 28 -21.32 1.19 -3.41
CA MET A 28 -21.13 -0.14 -2.85
C MET A 28 -21.85 -0.21 -1.52
N ARG A 29 -22.21 -1.43 -1.11
CA ARG A 29 -22.61 -1.66 0.27
C ARG A 29 -21.35 -2.02 1.03
N LEU A 30 -21.20 -1.54 2.26
CA LEU A 30 -20.00 -1.85 3.03
C LEU A 30 -19.83 -3.36 3.27
N GLY A 31 -20.93 -4.08 3.30
CA GLY A 31 -20.88 -5.54 3.49
C GLY A 31 -20.54 -6.35 2.24
N ASP A 32 -20.52 -5.72 1.06
CA ASP A 32 -20.20 -6.43 -0.19
C ASP A 32 -18.84 -7.09 -0.20
N GLU A 33 -18.71 -8.12 -1.02
CA GLU A 33 -17.41 -8.74 -1.28
C GLU A 33 -16.82 -8.08 -2.52
N ALA A 34 -15.51 -7.93 -2.54
CA ALA A 34 -14.84 -7.34 -3.69
C ALA A 34 -14.75 -8.39 -4.79
N ARG A 35 -14.88 -7.95 -6.03
CA ARG A 35 -14.52 -8.82 -7.14
C ARG A 35 -12.98 -8.79 -7.32
N GLN A 36 -12.41 -9.93 -7.70
CA GLN A 36 -10.96 -10.11 -7.68
C GLN A 36 -10.33 -9.80 -9.02
N PRO A 37 -9.37 -8.86 -9.04
CA PRO A 37 -8.68 -8.59 -10.30
C PRO A 37 -7.68 -9.68 -10.65
N ILE A 38 -7.15 -9.62 -11.87
CA ILE A 38 -6.23 -10.64 -12.38
C ILE A 38 -4.96 -10.58 -11.55
N SER A 39 -4.37 -9.39 -11.48
CA SER A 39 -3.19 -9.14 -10.67
C SER A 39 -3.28 -7.87 -9.83
N VAL A 40 -2.55 -7.92 -8.71
CA VAL A 40 -2.44 -6.84 -7.77
C VAL A 40 -0.98 -6.85 -7.29
N ILE A 41 -0.59 -5.82 -6.56
CA ILE A 41 0.73 -5.79 -5.95
C ILE A 41 0.58 -5.97 -4.45
N PRO A 42 0.99 -7.13 -3.92
CA PRO A 42 0.86 -7.34 -2.48
C PRO A 42 1.71 -6.38 -1.66
N THR A 43 1.31 -6.15 -0.43
CA THR A 43 1.86 -5.07 0.38
C THR A 43 2.93 -5.54 1.34
N GLY A 44 2.97 -6.83 1.60
CA GLY A 44 3.92 -7.38 2.56
C GLY A 44 3.28 -7.85 3.84
N SER A 45 2.04 -7.42 4.09
CA SER A 45 1.23 -7.89 5.22
C SER A 45 -0.09 -8.41 4.72
N ILE A 46 -0.44 -9.63 5.12
CA ILE A 46 -1.67 -10.27 4.68
C ILE A 46 -2.86 -9.52 5.29
N ALA A 47 -2.66 -8.93 6.48
CA ALA A 47 -3.71 -8.14 7.14
C ALA A 47 -4.08 -6.94 6.28
N LEU A 48 -3.07 -6.23 5.79
CA LEU A 48 -3.27 -5.12 4.87
C LEU A 48 -3.82 -5.56 3.51
N ASP A 49 -3.34 -6.67 2.99
CA ASP A 49 -3.87 -7.23 1.75
C ASP A 49 -5.37 -7.54 1.88
N VAL A 50 -5.77 -8.05 3.04
CA VAL A 50 -7.18 -8.37 3.27
C VAL A 50 -8.00 -7.09 3.42
N ALA A 51 -7.51 -6.15 4.23
CA ALA A 51 -8.17 -4.87 4.40
C ALA A 51 -8.39 -4.14 3.08
N LEU A 52 -7.49 -4.33 2.11
CA LEU A 52 -7.69 -3.72 0.80
C LEU A 52 -8.74 -4.47 -0.04
N GLY A 53 -9.10 -5.68 0.41
CA GLY A 53 -10.18 -6.44 -0.19
C GLY A 53 -9.79 -7.25 -1.40
N ILE A 54 -8.97 -6.68 -2.28
CA ILE A 54 -8.50 -7.36 -3.48
C ILE A 54 -7.12 -8.06 -3.32
N GLY A 55 -6.62 -8.16 -2.09
CA GLY A 55 -5.36 -8.88 -1.84
C GLY A 55 -4.06 -8.12 -2.09
N GLY A 56 -4.14 -6.81 -2.32
CA GLY A 56 -2.97 -5.99 -2.57
C GLY A 56 -3.39 -4.70 -3.19
N LEU A 57 -2.43 -3.98 -3.77
CA LEU A 57 -2.70 -2.68 -4.35
C LEU A 57 -3.14 -2.85 -5.79
N PRO A 58 -4.11 -2.04 -6.22
CA PRO A 58 -4.54 -2.16 -7.62
C PRO A 58 -3.52 -1.63 -8.60
N ARG A 59 -3.53 -2.16 -9.82
CA ARG A 59 -2.72 -1.67 -10.93
C ARG A 59 -3.46 -0.62 -11.74
N GLY A 60 -2.71 0.28 -12.38
CA GLY A 60 -3.31 1.32 -13.19
C GLY A 60 -4.04 2.43 -12.45
N ARG A 61 -3.82 2.54 -11.14
CA ARG A 61 -4.45 3.58 -10.30
C ARG A 61 -3.45 4.41 -9.50
N VAL A 62 -3.95 5.55 -9.01
CA VAL A 62 -3.25 6.43 -8.09
C VAL A 62 -3.53 6.01 -6.65
N ILE A 63 -2.48 5.86 -5.86
CA ILE A 63 -2.59 5.56 -4.43
C ILE A 63 -1.95 6.66 -3.60
N GLU A 64 -2.62 7.08 -2.56
CA GLU A 64 -2.07 8.03 -1.62
C GLU A 64 -1.84 7.33 -0.30
N ILE A 65 -0.63 7.45 0.23
CA ILE A 65 -0.29 6.95 1.56
C ILE A 65 0.17 8.14 2.39
N TYR A 66 -0.51 8.38 3.49
CA TYR A 66 -0.22 9.56 4.28
C TYR A 66 -0.22 9.24 5.77
N GLY A 67 0.34 10.16 6.52
CA GLY A 67 0.51 10.00 7.95
C GLY A 67 1.66 10.87 8.41
N PRO A 68 1.87 10.95 9.74
CA PRO A 68 2.95 11.75 10.32
C PRO A 68 4.31 11.22 9.94
N GLU A 69 5.34 11.99 10.26
CA GLU A 69 6.73 11.56 10.11
C GLU A 69 6.96 10.31 10.97
N SER A 70 7.76 9.38 10.47
CA SER A 70 8.09 8.14 11.18
C SER A 70 6.87 7.31 11.57
N SER A 71 5.87 7.32 10.70
CA SER A 71 4.70 6.47 10.89
C SER A 71 4.90 5.11 10.21
N GLY A 72 5.85 5.02 9.29
CA GLY A 72 6.07 3.80 8.52
C GLY A 72 5.55 3.84 7.10
N LYS A 73 5.04 5.00 6.67
CA LYS A 73 4.44 5.08 5.35
C LYS A 73 5.43 4.78 4.23
N THR A 74 6.68 5.17 4.40
CA THR A 74 7.69 4.87 3.38
C THR A 74 8.03 3.37 3.32
N THR A 75 8.02 2.72 4.48
CA THR A 75 8.26 1.30 4.56
C THR A 75 7.20 0.54 3.77
N VAL A 76 5.92 0.91 3.94
CA VAL A 76 4.85 0.27 3.17
C VAL A 76 5.12 0.42 1.67
N ALA A 77 5.43 1.64 1.23
CA ALA A 77 5.71 1.89 -0.19
C ALA A 77 6.92 1.09 -0.72
N LEU A 78 7.93 0.85 0.11
CA LEU A 78 9.11 0.10 -0.34
C LEU A 78 8.82 -1.41 -0.47
N HIS A 79 8.01 -1.97 0.41
CA HIS A 79 7.51 -3.34 0.20
C HIS A 79 6.73 -3.50 -1.11
N ALA A 80 5.85 -2.56 -1.42
CA ALA A 80 5.17 -2.60 -2.70
C ALA A 80 6.17 -2.61 -3.87
N VAL A 81 7.23 -1.79 -3.79
CA VAL A 81 8.30 -1.80 -4.79
C VAL A 81 8.96 -3.18 -4.84
N ALA A 82 9.33 -3.71 -3.67
CA ALA A 82 9.96 -5.04 -3.58
C ALA A 82 9.13 -6.10 -4.29
N ASN A 83 7.85 -6.21 -3.94
CA ASN A 83 6.96 -7.21 -4.51
C ASN A 83 6.75 -7.05 -6.01
N ALA A 84 6.66 -5.82 -6.49
CA ALA A 84 6.52 -5.61 -7.93
C ALA A 84 7.78 -6.10 -8.67
N GLN A 85 8.95 -5.80 -8.11
CA GLN A 85 10.22 -6.26 -8.69
C GLN A 85 10.35 -7.78 -8.65
N ALA A 86 9.95 -8.38 -7.55
CA ALA A 86 10.07 -9.80 -7.35
C ALA A 86 9.29 -10.56 -8.40
N ALA A 87 8.24 -9.96 -8.92
CA ALA A 87 7.45 -10.54 -10.01
C ALA A 87 7.90 -10.03 -11.38
N GLY A 88 9.15 -9.62 -11.49
CA GLY A 88 9.72 -9.18 -12.77
C GLY A 88 9.29 -7.80 -13.26
N GLY A 89 8.77 -6.96 -12.37
CA GLY A 89 8.41 -5.58 -12.71
C GLY A 89 9.56 -4.59 -12.56
N VAL A 90 9.41 -3.44 -13.20
CA VAL A 90 10.37 -2.33 -13.09
C VAL A 90 9.77 -1.23 -12.22
N ALA A 91 10.61 -0.65 -11.37
CA ALA A 91 10.17 0.39 -10.44
C ALA A 91 10.98 1.65 -10.60
N ALA A 92 10.32 2.80 -10.41
CA ALA A 92 11.02 4.09 -10.35
C ALA A 92 10.64 4.80 -9.06
N PHE A 93 11.60 5.57 -8.54
CA PHE A 93 11.43 6.30 -7.29
C PHE A 93 11.76 7.76 -7.56
N ILE A 94 10.78 8.65 -7.43
CA ILE A 94 10.96 10.07 -7.70
C ILE A 94 11.07 10.83 -6.39
N ASP A 95 12.27 11.36 -6.13
CA ASP A 95 12.68 11.72 -4.79
C ASP A 95 12.97 13.19 -4.67
N ALA A 96 12.10 13.90 -3.94
CA ALA A 96 12.32 15.29 -3.59
C ALA A 96 12.62 15.48 -2.09
N GLU A 97 12.77 14.38 -1.35
CA GLU A 97 13.09 14.45 0.06
C GLU A 97 14.57 14.19 0.34
N HIS A 98 15.22 13.37 -0.47
CA HIS A 98 16.65 12.99 -0.30
C HIS A 98 16.89 12.23 1.01
N ALA A 99 15.91 11.39 1.36
CA ALA A 99 15.90 10.68 2.62
C ALA A 99 16.06 9.17 2.46
N LEU A 100 16.04 8.67 1.22
CA LEU A 100 16.05 7.23 1.00
C LEU A 100 17.29 6.57 1.59
N ASP A 101 17.10 5.51 2.38
CA ASP A 101 18.20 4.62 2.83
C ASP A 101 18.23 3.31 2.00
N PRO A 102 19.20 3.18 1.08
CA PRO A 102 19.19 2.00 0.21
C PRO A 102 19.58 0.71 0.90
N ASP A 103 20.34 0.78 1.99
CA ASP A 103 20.67 -0.42 2.74
C ASP A 103 19.42 -0.98 3.39
N TYR A 104 18.64 -0.11 4.00
CA TYR A 104 17.35 -0.49 4.57
C TYR A 104 16.43 -1.04 3.47
N ALA A 105 16.35 -0.33 2.35
CA ALA A 105 15.52 -0.80 1.25
C ALA A 105 15.91 -2.22 0.84
N LYS A 106 17.22 -2.49 0.83
CA LYS A 106 17.75 -3.78 0.37
C LYS A 106 17.33 -4.91 1.30
N LYS A 107 17.32 -4.65 2.60
CA LYS A 107 16.86 -5.63 3.58
C LYS A 107 15.37 -5.98 3.45
N LEU A 108 14.56 -5.01 3.02
CA LEU A 108 13.12 -5.23 2.78
C LEU A 108 12.91 -6.15 1.59
N GLY A 109 13.86 -6.18 0.67
CA GLY A 109 13.74 -6.96 -0.56
C GLY A 109 13.86 -6.17 -1.83
N VAL A 110 14.12 -4.86 -1.73
CA VAL A 110 14.20 -4.04 -2.93
C VAL A 110 15.50 -4.35 -3.67
N ASP A 111 15.38 -4.50 -4.98
CA ASP A 111 16.55 -4.55 -5.85
C ASP A 111 16.95 -3.12 -6.19
N THR A 112 17.83 -2.58 -5.35
CA THR A 112 18.26 -1.19 -5.47
C THR A 112 19.06 -0.89 -6.73
N ASP A 113 19.87 -1.84 -7.18
CA ASP A 113 20.63 -1.66 -8.43
C ASP A 113 19.74 -1.37 -9.64
N SER A 114 18.58 -2.03 -9.71
CA SER A 114 17.64 -1.87 -10.83
C SER A 114 16.63 -0.76 -10.60
N LEU A 115 16.59 -0.23 -9.39
CA LEU A 115 15.70 0.85 -9.05
C LEU A 115 16.05 2.11 -9.83
N LEU A 116 15.12 2.63 -10.61
CA LEU A 116 15.27 3.92 -11.29
C LEU A 116 15.00 5.06 -10.30
N VAL A 117 15.87 6.06 -10.28
CA VAL A 117 15.77 7.15 -9.34
C VAL A 117 15.94 8.46 -10.07
N SER A 118 15.14 9.44 -9.70
CA SER A 118 15.24 10.77 -10.23
C SER A 118 15.15 11.72 -9.04
N GLN A 119 15.96 12.77 -9.06
CA GLN A 119 15.95 13.80 -8.01
C GLN A 119 15.78 15.15 -8.68
N PRO A 120 14.53 15.51 -8.96
CA PRO A 120 14.28 16.64 -9.85
C PRO A 120 14.41 18.00 -9.19
N ASP A 121 14.54 19.02 -10.05
CA ASP A 121 14.82 20.39 -9.61
C ASP A 121 13.57 21.12 -9.19
N THR A 122 12.41 20.72 -9.72
CA THR A 122 11.15 21.43 -9.44
C THR A 122 10.00 20.46 -9.35
N GLY A 123 8.92 20.89 -8.70
CA GLY A 123 7.68 20.10 -8.68
C GLY A 123 7.17 19.71 -10.06
N GLU A 124 7.18 20.64 -11.01
CA GLU A 124 6.69 20.32 -12.37
C GLU A 124 7.59 19.32 -13.06
N GLN A 125 8.89 19.47 -12.90
CA GLN A 125 9.83 18.50 -13.46
C GLN A 125 9.59 17.08 -12.90
N ALA A 126 9.29 16.99 -11.62
CA ALA A 126 9.04 15.71 -10.97
C ALA A 126 7.84 14.99 -11.58
N LEU A 127 6.75 15.73 -11.76
CA LEU A 127 5.52 15.16 -12.30
C LEU A 127 5.63 14.88 -13.81
N GLU A 128 6.30 15.76 -14.55
CA GLU A 128 6.53 15.51 -15.97
CA GLU A 128 6.54 15.55 -15.97
C GLU A 128 7.42 14.32 -16.19
N ILE A 129 8.47 14.16 -15.38
CA ILE A 129 9.33 12.98 -15.50
C ILE A 129 8.54 11.73 -15.16
N ALA A 130 7.72 11.80 -14.11
CA ALA A 130 6.84 10.67 -13.74
C ALA A 130 5.97 10.31 -14.94
N ASP A 131 5.39 11.32 -15.57
CA ASP A 131 4.51 11.13 -16.71
C ASP A 131 5.20 10.42 -17.88
N MET A 132 6.39 10.87 -18.27
CA MET A 132 7.11 10.23 -19.37
C MET A 132 7.46 8.78 -19.06
N LEU A 133 7.75 8.50 -17.81
CA LEU A 133 8.07 7.14 -17.38
C LEU A 133 6.84 6.24 -17.51
N ILE A 134 5.68 6.75 -17.12
CA ILE A 134 4.46 5.96 -17.14
C ILE A 134 4.05 5.66 -18.58
N ARG A 135 4.11 6.67 -19.45
CA ARG A 135 3.79 6.50 -20.88
C ARG A 135 4.69 5.56 -21.67
N SER A 136 5.88 5.26 -21.16
CA SER A 136 6.73 4.22 -21.76
C SER A 136 6.00 2.86 -21.81
N GLY A 137 5.18 2.60 -20.82
CA GLY A 137 4.53 1.30 -20.69
C GLY A 137 5.43 0.24 -20.07
N ALA A 138 6.63 0.63 -19.67
CA ALA A 138 7.62 -0.32 -19.16
C ALA A 138 7.67 -0.42 -17.64
N LEU A 139 6.93 0.44 -16.93
CA LEU A 139 6.99 0.50 -15.47
C LEU A 139 5.80 -0.17 -14.82
N ASP A 140 6.04 -0.90 -13.76
CA ASP A 140 4.95 -1.45 -12.96
C ASP A 140 4.53 -0.50 -11.86
N ILE A 141 5.45 0.33 -11.39
CA ILE A 141 5.16 1.14 -10.22
C ILE A 141 6.14 2.30 -10.08
N VAL A 142 5.61 3.45 -9.71
CA VAL A 142 6.43 4.63 -9.43
C VAL A 142 5.98 5.22 -8.10
N VAL A 143 6.95 5.60 -7.28
CA VAL A 143 6.69 6.21 -5.99
C VAL A 143 7.20 7.65 -6.07
N ILE A 144 6.38 8.59 -5.61
CA ILE A 144 6.78 9.98 -5.49
C ILE A 144 6.90 10.32 -4.00
N ASP A 145 8.11 10.67 -3.58
CA ASP A 145 8.38 11.06 -2.20
C ASP A 145 8.91 12.47 -2.19
N SER A 146 8.11 13.47 -1.83
CA SER A 146 6.73 13.37 -1.36
C SER A 146 5.98 14.56 -1.90
N VAL A 147 4.66 14.57 -1.67
CA VAL A 147 3.79 15.64 -2.15
C VAL A 147 4.17 17.02 -1.61
N ALA A 148 4.45 17.11 -0.32
CA ALA A 148 4.82 18.40 0.31
C ALA A 148 6.12 18.99 -0.20
N ALA A 149 7.05 18.12 -0.60
CA ALA A 149 8.33 18.57 -1.14
C ALA A 149 8.25 19.06 -2.59
N LEU A 150 7.14 18.88 -3.28
CA LEU A 150 7.04 19.27 -4.70
C LEU A 150 6.86 20.79 -4.88
N VAL A 151 7.95 21.54 -4.79
CA VAL A 151 7.88 22.99 -4.85
C VAL A 151 7.77 23.50 -6.29
N PRO A 152 6.81 24.39 -6.56
CA PRO A 152 6.66 24.93 -7.91
C PRO A 152 7.84 25.79 -8.35
N ARG A 153 8.12 25.79 -9.64
CA ARG A 153 9.22 26.57 -10.23
C ARG A 153 9.16 28.05 -9.87
N ALA A 154 7.99 28.65 -9.97
CA ALA A 154 7.85 30.07 -9.67
C ALA A 154 8.36 30.37 -8.28
N GLU A 155 8.06 29.50 -7.32
CA GLU A 155 8.50 29.70 -5.95
C GLU A 155 10.01 29.56 -5.82
N LEU A 156 10.59 28.58 -6.50
CA LEU A 156 12.05 28.36 -6.47
C LEU A 156 12.82 29.49 -7.15
N GLU A 157 12.17 30.18 -8.09
CA GLU A 157 12.79 31.33 -8.76
C GLU A 157 12.51 32.61 -8.01
N GLY A 158 11.61 32.56 -7.02
CA GLY A 158 11.33 33.70 -6.16
C GLY A 158 10.51 34.78 -6.86
N GLU A 159 9.41 34.37 -7.51
CA GLU A 159 8.49 35.29 -8.18
C GLU A 159 7.05 34.99 -7.81
N HIS A 164 1.92 36.38 -4.35
CA HIS A 164 1.85 34.95 -4.09
C HIS A 164 0.59 34.34 -4.71
N VAL A 165 0.63 33.03 -4.94
CA VAL A 165 -0.53 32.25 -5.42
C VAL A 165 -0.53 30.90 -4.69
N GLY A 166 -1.68 30.22 -4.67
CA GLY A 166 -1.76 28.83 -4.16
C GLY A 166 -1.61 27.82 -5.28
N LEU A 167 -0.49 27.90 -6.00
CA LEU A 167 -0.33 27.21 -7.28
C LEU A 167 0.32 25.81 -7.21
N GLN A 168 0.66 25.36 -6.01
CA GLN A 168 1.04 23.95 -5.84
C GLN A 168 -0.19 23.06 -6.05
N ALA A 169 -1.33 23.52 -5.55
CA ALA A 169 -2.61 22.85 -5.82
C ALA A 169 -2.97 22.79 -7.31
N ARG A 170 -2.69 23.88 -8.05
CA ARG A 170 -2.96 23.92 -9.48
C ARG A 170 -2.02 23.01 -10.26
N LEU A 171 -0.78 22.91 -9.78
CA LEU A 171 0.21 22.01 -10.36
C LEU A 171 -0.19 20.54 -10.25
N MET A 172 -0.60 20.11 -9.06
CA MET A 172 -1.07 18.75 -8.83
C MET A 172 -2.30 18.43 -9.67
N SER A 173 -3.24 19.37 -9.70
CA SER A 173 -4.49 19.18 -10.43
C SER A 173 -4.25 18.93 -11.90
N GLN A 174 -3.44 19.77 -12.53
CA GLN A 174 -3.14 19.62 -13.96
C GLN A 174 -2.41 18.31 -14.21
N ALA A 175 -1.45 17.99 -13.36
CA ALA A 175 -0.62 16.82 -13.51
C ALA A 175 -1.44 15.56 -13.35
N LEU A 176 -2.28 15.52 -12.32
CA LEU A 176 -3.09 14.32 -12.05
C LEU A 176 -4.11 14.07 -13.16
N ARG A 177 -4.65 15.14 -13.75
CA ARG A 177 -5.62 15.00 -14.83
C ARG A 177 -4.96 14.33 -16.05
N LYS A 178 -3.75 14.76 -16.38
CA LYS A 178 -2.96 14.17 -17.46
C LYS A 178 -2.52 12.74 -17.13
N MET A 179 -2.20 12.50 -15.86
CA MET A 179 -1.54 11.26 -15.43
C MET A 179 -2.51 10.09 -15.29
N THR A 180 -3.74 10.39 -14.88
CA THR A 180 -4.75 9.32 -14.67
C THR A 180 -4.99 8.47 -15.92
N GLY A 181 -5.12 9.11 -17.08
CA GLY A 181 -5.26 8.41 -18.34
C GLY A 181 -4.10 7.47 -18.63
N ALA A 182 -2.89 8.02 -18.57
CA ALA A 182 -1.70 7.23 -18.85
C ALA A 182 -1.58 6.03 -17.92
N LEU A 183 -1.99 6.17 -16.67
CA LEU A 183 -1.89 5.07 -15.72
C LEU A 183 -2.82 3.93 -16.09
N ASN A 184 -4.05 4.27 -16.49
CA ASN A 184 -5.03 3.25 -16.82
C ASN A 184 -4.65 2.47 -18.08
N ASN A 185 -4.13 3.18 -19.09
CA ASN A 185 -3.67 2.52 -20.31
C ASN A 185 -2.49 1.60 -20.03
N SER A 186 -1.57 2.06 -19.17
CA SER A 186 -0.29 1.38 -18.97
C SER A 186 -0.31 0.25 -17.94
N GLY A 187 -1.28 0.24 -17.06
CA GLY A 187 -1.28 -0.74 -15.96
C GLY A 187 -0.31 -0.38 -14.82
N THR A 188 0.23 0.83 -14.86
CA THR A 188 1.22 1.27 -13.87
C THR A 188 0.55 1.79 -12.61
N THR A 189 1.06 1.44 -11.44
CA THR A 189 0.56 2.00 -10.20
C THR A 189 1.47 3.16 -9.72
N ALA A 190 0.87 4.29 -9.40
CA ALA A 190 1.59 5.42 -8.83
C ALA A 190 1.23 5.60 -7.36
N ILE A 191 2.23 5.54 -6.50
CA ILE A 191 2.07 5.83 -5.06
C ILE A 191 2.61 7.23 -4.75
N PHE A 192 1.75 8.08 -4.19
CA PHE A 192 2.14 9.39 -3.67
C PHE A 192 2.23 9.34 -2.17
N ILE A 193 3.37 9.73 -1.62
CA ILE A 193 3.53 9.83 -0.18
C ILE A 193 3.24 11.25 0.25
N ASN A 194 2.44 11.38 1.30
CA ASN A 194 2.00 12.67 1.79
C ASN A 194 2.12 12.80 3.33
N GLN A 195 2.40 14.01 3.80
CA GLN A 195 2.47 14.31 5.25
C GLN A 195 1.11 14.76 5.79
N LEU A 196 0.99 14.80 7.11
CA LEU A 196 -0.22 15.29 7.76
C LEU A 196 -0.06 16.76 8.20
N ARG A 197 -1.09 17.56 7.94
CA ARG A 197 -1.09 18.99 8.29
C ARG A 197 -1.63 19.21 9.71
N THR A 211 -0.78 21.38 0.32
CA THR A 211 -1.57 22.17 -0.62
C THR A 211 -2.21 21.32 -1.72
N GLY A 212 -1.39 20.50 -2.38
CA GLY A 212 -1.84 19.70 -3.53
C GLY A 212 -2.53 18.40 -3.17
N GLY A 213 -2.60 18.10 -1.87
CA GLY A 213 -3.34 16.95 -1.37
C GLY A 213 -4.83 17.01 -1.67
N LYS A 214 -5.36 18.21 -1.89
CA LYS A 214 -6.78 18.39 -2.22
C LYS A 214 -7.21 17.64 -3.49
N ALA A 215 -6.48 17.83 -4.59
CA ALA A 215 -6.77 17.08 -5.81
C ALA A 215 -6.52 15.58 -5.63
N LEU A 216 -5.46 15.24 -4.91
CA LEU A 216 -5.05 13.85 -4.69
C LEU A 216 -6.18 13.07 -4.01
N LYS A 217 -6.81 13.70 -3.04
CA LYS A 217 -7.96 13.14 -2.34
C LYS A 217 -9.03 12.58 -3.31
N PHE A 218 -9.29 13.28 -4.40
CA PHE A 218 -10.33 12.89 -5.34
C PHE A 218 -9.86 12.01 -6.49
N TYR A 219 -8.62 12.17 -6.96
CA TYR A 219 -8.10 11.32 -8.04
C TYR A 219 -7.66 9.94 -7.54
N ALA A 220 -7.31 9.83 -6.27
CA ALA A 220 -6.77 8.57 -5.76
C ALA A 220 -7.87 7.53 -5.72
N SER A 221 -7.58 6.30 -6.13
CA SER A 221 -8.53 5.20 -5.96
C SER A 221 -8.45 4.56 -4.56
N VAL A 222 -7.28 4.66 -3.94
CA VAL A 222 -7.05 4.17 -2.60
C VAL A 222 -6.31 5.22 -1.81
N ARG A 223 -6.73 5.44 -0.57
CA ARG A 223 -6.05 6.35 0.34
C ARG A 223 -5.87 5.62 1.65
N MET A 224 -4.62 5.56 2.13
CA MET A 224 -4.27 4.87 3.38
C MET A 224 -3.72 5.86 4.42
N ASP A 225 -4.28 5.80 5.62
CA ASP A 225 -3.85 6.60 6.76
C ASP A 225 -2.99 5.66 7.61
N VAL A 226 -1.70 6.01 7.77
CA VAL A 226 -0.72 5.19 8.49
C VAL A 226 -0.28 5.86 9.80
N ARG A 227 -0.38 5.13 10.92
CA ARG A 227 0.00 5.63 12.25
C ARG A 227 0.76 4.61 13.09
N ARG A 228 1.68 5.11 13.89
CA ARG A 228 2.37 4.31 14.89
C ARG A 228 1.41 4.16 16.06
N VAL A 229 1.20 2.92 16.53
CA VAL A 229 0.25 2.67 17.63
C VAL A 229 0.97 2.47 18.97
N GLU A 230 2.02 1.65 18.99
CA GLU A 230 2.87 1.51 20.16
C GLU A 230 4.23 0.92 19.80
N THR A 231 5.18 1.10 20.72
CA THR A 231 6.51 0.53 20.55
C THR A 231 6.50 -0.95 20.92
N LEU A 232 7.15 -1.76 20.10
CA LEU A 232 7.34 -3.17 20.40
C LEU A 232 8.63 -3.32 21.18
N LYS A 233 8.51 -3.68 22.46
CA LYS A 233 9.65 -3.89 23.35
C LYS A 233 10.03 -5.37 23.43
N ASP A 234 11.31 -5.63 23.65
CA ASP A 234 11.77 -6.96 24.09
C ASP A 234 12.96 -6.76 25.04
N GLY A 235 12.66 -6.71 26.32
CA GLY A 235 13.63 -6.40 27.36
C GLY A 235 13.81 -4.90 27.52
N THR A 236 15.06 -4.46 27.55
CA THR A 236 15.39 -3.03 27.68
C THR A 236 15.28 -2.27 26.36
N ASN A 237 15.50 -2.95 25.24
CA ASN A 237 15.46 -2.33 23.90
C ASN A 237 14.17 -2.60 23.11
N ALA A 238 13.72 -1.57 22.39
CA ALA A 238 12.56 -1.69 21.50
C ALA A 238 12.97 -2.21 20.13
N VAL A 239 12.33 -3.31 19.70
CA VAL A 239 12.70 -3.99 18.45
C VAL A 239 11.87 -3.54 17.22
N GLY A 240 10.85 -2.71 17.44
CA GLY A 240 10.04 -2.19 16.33
C GLY A 240 8.81 -1.41 16.75
N ASN A 241 7.84 -1.32 15.84
CA ASN A 241 6.58 -0.63 16.11
C ASN A 241 5.36 -1.36 15.59
N ARG A 242 4.29 -1.31 16.37
CA ARG A 242 3.00 -1.71 15.85
C ARG A 242 2.43 -0.53 15.04
N THR A 243 1.96 -0.84 13.84
CA THR A 243 1.50 0.16 12.90
C THR A 243 0.06 -0.14 12.53
N ARG A 244 -0.77 0.91 12.45
CA ARG A 244 -2.16 0.77 12.05
C ARG A 244 -2.39 1.52 10.76
N VAL A 245 -3.12 0.90 9.84
CA VAL A 245 -3.46 1.50 8.56
C VAL A 245 -4.96 1.48 8.42
N LYS A 246 -5.56 2.64 8.21
CA LYS A 246 -6.97 2.71 7.86
C LYS A 246 -7.09 3.02 6.36
N VAL A 247 -7.87 2.23 5.66
CA VAL A 247 -8.11 2.47 4.25
C VAL A 247 -9.34 3.38 4.23
N VAL A 248 -9.12 4.69 4.19
CA VAL A 248 -10.19 5.67 4.27
C VAL A 248 -10.91 5.86 2.93
N LYS A 249 -10.27 5.42 1.85
CA LYS A 249 -10.88 5.51 0.52
C LYS A 249 -10.50 4.31 -0.30
N ASN A 250 -11.48 3.63 -0.87
CA ASN A 250 -11.21 2.47 -1.70
C ASN A 250 -12.26 2.28 -2.78
N LYS A 251 -11.88 2.53 -4.04
CA LYS A 251 -12.78 2.36 -5.17
C LYS A 251 -12.87 0.93 -5.67
N CYS A 252 -12.08 0.03 -5.12
CA CYS A 252 -11.99 -1.34 -5.62
C CYS A 252 -12.66 -2.35 -4.70
N SER A 253 -13.09 -1.92 -3.53
CA SER A 253 -13.64 -2.82 -2.52
C SER A 253 -14.10 -1.89 -1.40
N PRO A 254 -15.01 -2.36 -0.53
CA PRO A 254 -15.54 -1.45 0.48
C PRO A 254 -14.47 -0.77 1.34
N PRO A 255 -14.59 0.55 1.53
CA PRO A 255 -13.62 1.29 2.31
C PRO A 255 -13.82 1.15 3.81
N PHE A 256 -12.96 1.84 4.56
CA PHE A 256 -13.02 1.95 6.02
C PHE A 256 -12.54 0.74 6.82
N LYS A 257 -11.82 -0.17 6.17
CA LYS A 257 -11.24 -1.29 6.88
C LYS A 257 -9.90 -0.87 7.44
N GLN A 258 -9.50 -1.48 8.54
CA GLN A 258 -8.17 -1.25 9.04
C GLN A 258 -7.37 -2.51 9.29
N ALA A 259 -6.05 -2.35 9.38
CA ALA A 259 -5.15 -3.46 9.62
C ALA A 259 -4.04 -3.01 10.54
N GLU A 260 -3.58 -3.92 11.40
CA GLU A 260 -2.41 -3.69 12.21
C GLU A 260 -1.33 -4.69 11.86
N PHE A 261 -0.08 -4.29 12.02
CA PHE A 261 1.03 -5.16 11.69
C PHE A 261 2.31 -4.57 12.29
N ASP A 262 3.38 -5.36 12.28
CA ASP A 262 4.60 -4.97 12.97
C ASP A 262 5.67 -4.60 11.98
N ILE A 263 6.32 -3.46 12.21
CA ILE A 263 7.49 -3.06 11.47
C ILE A 263 8.72 -3.22 12.37
N LEU A 264 9.60 -4.16 12.03
CA LEU A 264 10.81 -4.39 12.84
C LEU A 264 11.95 -3.55 12.34
N TYR A 265 12.59 -2.83 13.27
CA TYR A 265 13.76 -1.99 12.96
C TYR A 265 14.77 -2.74 12.12
N GLY A 266 15.15 -2.16 11.00
CA GLY A 266 16.10 -2.80 10.10
C GLY A 266 15.57 -3.92 9.21
N LYS A 267 14.41 -4.49 9.53
CA LYS A 267 13.88 -5.64 8.76
C LYS A 267 12.65 -5.29 7.92
N GLY A 268 11.85 -4.32 8.36
CA GLY A 268 10.61 -3.97 7.68
C GLY A 268 9.37 -4.65 8.26
N ILE A 269 8.34 -4.79 7.43
CA ILE A 269 7.10 -5.41 7.84
C ILE A 269 7.31 -6.89 8.03
N SER A 270 6.92 -7.36 9.20
CA SER A 270 7.00 -8.77 9.59
C SER A 270 5.89 -9.56 8.91
N ARG A 271 6.22 -10.23 7.81
CA ARG A 271 5.27 -11.10 7.13
C ARG A 271 4.76 -12.20 8.07
N GLU A 272 5.69 -12.77 8.83
CA GLU A 272 5.41 -13.91 9.69
C GLU A 272 4.50 -13.52 10.85
N GLY A 273 4.74 -12.34 11.43
CA GLY A 273 3.88 -11.80 12.48
C GLY A 273 2.41 -11.68 12.07
N SER A 274 2.19 -11.23 10.84
CA SER A 274 0.83 -11.05 10.31
C SER A 274 0.15 -12.37 10.04
N LEU A 275 0.93 -13.36 9.60
CA LEU A 275 0.40 -14.72 9.44
C LEU A 275 -0.07 -15.31 10.76
N ILE A 276 0.65 -15.02 11.84
CA ILE A 276 0.23 -15.47 13.17
C ILE A 276 -1.05 -14.75 13.60
N ASP A 277 -1.06 -13.41 13.57
CA ASP A 277 -2.24 -12.60 13.95
C ASP A 277 -3.49 -13.00 13.17
N MET A 278 -3.38 -13.00 11.84
CA MET A 278 -4.49 -13.42 10.98
C MET A 278 -4.78 -14.91 11.11
N GLY A 279 -3.74 -15.69 11.43
CA GLY A 279 -3.89 -17.11 11.73
C GLY A 279 -4.81 -17.36 12.90
N VAL A 280 -4.56 -16.70 14.03
CA VAL A 280 -5.40 -16.88 15.21
C VAL A 280 -6.78 -16.28 15.00
N ASP A 281 -6.82 -15.11 14.36
CA ASP A 281 -8.07 -14.43 14.04
C ASP A 281 -9.02 -15.38 13.30
N GLN A 282 -8.49 -16.07 12.28
CA GLN A 282 -9.29 -17.00 11.46
C GLN A 282 -9.42 -18.42 12.04
N GLY A 283 -8.93 -18.64 13.26
CA GLY A 283 -9.00 -19.96 13.89
C GLY A 283 -8.22 -21.10 13.24
N LEU A 284 -7.23 -20.76 12.41
CA LEU A 284 -6.32 -21.75 11.81
C LEU A 284 -5.14 -22.04 12.74
N ILE A 285 -4.88 -21.14 13.67
CA ILE A 285 -3.78 -21.28 14.61
C ILE A 285 -4.40 -21.16 15.96
N ARG A 286 -4.41 -22.24 16.74
CA ARG A 286 -4.99 -22.23 18.08
C ARG A 286 -3.96 -21.72 19.07
N LYS A 287 -4.44 -21.05 20.12
CA LYS A 287 -3.57 -20.46 21.14
C LYS A 287 -4.02 -20.90 22.53
N SER A 288 -3.29 -21.86 23.12
CA SER A 288 -3.57 -22.33 24.49
C SER A 288 -3.52 -21.18 25.48
N GLY A 289 -2.33 -20.61 25.68
CA GLY A 289 -2.13 -19.44 26.50
C GLY A 289 -0.93 -18.70 25.96
N ALA A 290 0.26 -19.14 26.39
CA ALA A 290 1.52 -18.69 25.80
C ALA A 290 1.84 -19.50 24.52
N TRP A 291 1.26 -20.69 24.42
CA TRP A 291 1.56 -21.62 23.32
C TRP A 291 0.74 -21.35 22.06
N PHE A 292 1.44 -21.25 20.93
CA PHE A 292 0.82 -21.16 19.63
C PHE A 292 0.89 -22.53 18.96
N THR A 293 -0.26 -22.97 18.43
CA THR A 293 -0.43 -24.31 17.89
C THR A 293 -0.93 -24.22 16.47
N TYR A 294 -0.48 -25.12 15.62
CA TYR A 294 -1.02 -25.25 14.28
C TYR A 294 -1.09 -26.72 13.88
N GLU A 295 -2.29 -27.22 13.59
CA GLU A 295 -2.50 -28.59 13.13
C GLU A 295 -1.80 -29.63 14.04
N GLY A 296 -2.06 -29.55 15.34
CA GLY A 296 -1.48 -30.49 16.30
C GLY A 296 0.02 -30.38 16.58
N GLU A 297 0.68 -29.36 16.04
CA GLU A 297 2.10 -29.13 16.29
C GLU A 297 2.31 -27.77 16.94
N GLN A 298 3.35 -27.65 17.77
CA GLN A 298 3.63 -26.38 18.41
C GLN A 298 4.55 -25.52 17.54
N LEU A 299 4.15 -24.26 17.37
CA LEU A 299 4.95 -23.28 16.64
C LEU A 299 5.94 -22.62 17.58
N GLY A 300 5.51 -22.32 18.79
CA GLY A 300 6.38 -21.72 19.76
C GLY A 300 5.60 -21.17 20.94
N GLN A 301 6.34 -20.79 21.98
CA GLN A 301 5.77 -20.20 23.18
C GLN A 301 6.06 -18.71 23.13
N GLY A 302 5.01 -17.90 23.06
CA GLY A 302 5.16 -16.46 22.82
C GLY A 302 5.18 -16.13 21.33
N LYS A 303 4.77 -14.91 21.00
CA LYS A 303 4.67 -14.48 19.60
C LYS A 303 6.02 -14.55 18.91
N GLU A 304 7.08 -14.17 19.63
CA GLU A 304 8.39 -14.03 19.03
C GLU A 304 8.99 -15.37 18.60
N ASN A 305 8.76 -16.43 19.39
CA ASN A 305 9.23 -17.77 19.05
C ASN A 305 8.45 -18.35 17.87
N ALA A 306 7.13 -18.23 17.96
CA ALA A 306 6.26 -18.56 16.84
C ALA A 306 6.68 -17.80 15.57
N ARG A 307 6.99 -16.51 15.70
CA ARG A 307 7.42 -15.71 14.56
C ARG A 307 8.71 -16.29 13.97
N ASN A 308 9.70 -16.49 14.84
CA ASN A 308 10.99 -17.07 14.43
C ASN A 308 10.88 -18.50 13.88
N PHE A 309 10.00 -19.30 14.49
CA PHE A 309 9.70 -20.61 13.95
C PHE A 309 9.26 -20.51 12.49
N LEU A 310 8.38 -19.56 12.21
CA LEU A 310 7.83 -19.40 10.86
C LEU A 310 8.86 -18.88 9.85
N VAL A 311 9.75 -17.99 10.29
CA VAL A 311 10.83 -17.56 9.38
C VAL A 311 11.79 -18.71 9.08
N GLU A 312 12.15 -19.48 10.11
CA GLU A 312 13.04 -20.64 9.93
C GLU A 312 12.39 -21.77 9.15
N ASN A 313 11.07 -21.86 9.21
CA ASN A 313 10.32 -22.87 8.49
C ASN A 313 9.44 -22.27 7.40
N ALA A 314 10.09 -21.85 6.32
CA ALA A 314 9.40 -21.18 5.20
C ALA A 314 8.24 -21.99 4.57
N ASP A 315 8.25 -23.31 4.71
CA ASP A 315 7.21 -24.15 4.11
C ASP A 315 5.88 -24.13 4.88
N VAL A 316 5.92 -24.05 6.20
CA VAL A 316 4.68 -23.99 6.99
C VAL A 316 4.08 -22.57 6.94
N ALA A 317 4.94 -21.57 6.80
CA ALA A 317 4.51 -20.18 6.57
C ALA A 317 3.70 -20.09 5.27
N ASP A 318 4.24 -20.67 4.20
CA ASP A 318 3.53 -20.69 2.92
C ASP A 318 2.17 -21.36 3.03
N GLU A 319 2.11 -22.48 3.74
CA GLU A 319 0.86 -23.23 3.86
C GLU A 319 -0.22 -22.43 4.57
N ILE A 320 0.15 -21.78 5.67
CA ILE A 320 -0.76 -20.95 6.45
C ILE A 320 -1.26 -19.75 5.61
N GLU A 321 -0.34 -19.14 4.84
CA GLU A 321 -0.71 -18.06 3.94
C GLU A 321 -1.79 -18.54 2.97
N LYS A 322 -1.51 -19.61 2.25
CA LYS A 322 -2.45 -20.17 1.27
C LYS A 322 -3.84 -20.45 1.86
N LYS A 323 -3.88 -21.07 3.04
CA LYS A 323 -5.16 -21.40 3.70
C LYS A 323 -5.97 -20.18 4.12
N ILE A 324 -5.29 -19.13 4.57
CA ILE A 324 -5.95 -17.86 4.90
C ILE A 324 -6.52 -17.22 3.63
N LYS A 325 -5.80 -17.33 2.53
CA LYS A 325 -6.25 -16.76 1.26
C LYS A 325 -7.39 -17.54 0.62
N GLU A 326 -7.43 -18.86 0.83
CA GLU A 326 -8.57 -19.68 0.41
C GLU A 326 -9.79 -19.36 1.27
N LYS A 327 -9.60 -19.27 2.58
CA LYS A 327 -10.72 -19.06 3.49
C LYS A 327 -11.40 -17.68 3.34
N LEU A 328 -10.71 -16.72 2.71
CA LEU A 328 -11.25 -15.37 2.50
C LEU A 328 -11.53 -15.05 1.03
N GLY A 329 -11.14 -15.95 0.13
CA GLY A 329 -11.39 -15.76 -1.30
C GLY A 329 -10.53 -14.68 -1.92
N ILE A 330 -9.23 -14.75 -1.68
CA ILE A 330 -8.26 -13.87 -2.31
C ILE A 330 -7.60 -14.62 -3.47
N GLY A 331 -7.89 -14.20 -4.70
CA GLY A 331 -7.36 -14.86 -5.91
C GLY A 331 -5.88 -14.62 -6.16
N ALA A 332 -5.38 -15.16 -7.28
CA ALA A 332 -3.98 -14.99 -7.69
C ALA A 332 -3.80 -13.73 -8.53
P PO4 B . 7.75 7.53 7.38
O1 PO4 B . 8.75 8.26 8.25
O2 PO4 B . 8.00 6.04 7.41
O3 PO4 B . 6.38 7.83 7.92
O4 PO4 B . 7.87 8.03 5.97
#